data_7ANI
#
_entry.id   7ANI
#
_cell.length_a   47.750
_cell.length_b   68.190
_cell.length_c   53.670
_cell.angle_alpha   90.000
_cell.angle_beta   91.360
_cell.angle_gamma   90.000
#
_symmetry.space_group_name_H-M   'P 1 21 1'
#
loop_
_entity.id
_entity.type
_entity.pdbx_description
1 polymer 'Thymidine diphospho-4-keto-rhamnose 3,5-epimerase'
2 non-polymer GLYCEROL
3 water water
#
_entity_poly.entity_id   1
_entity_poly.type   'polypeptide(L)'
_entity_poly.pdbx_seq_one_letter_code
;GAMAIEFNIQESKILKGVYIITPNKFRDLRGEIWTAFTSKAVDKLLPNGLKFIHDKFIHSKHNVIRGIHGDVKTYKLATC
VYGEIHQVVVDCRKDSPTYLKYEKFIINQDNQQIILVPAGFGNAHYVTSESAVYYYKCAYKGDYVDAPDQFTYAWNDERI
GIDWPTNSPILSERDILATKNKG
;
_entity_poly.pdbx_strand_id   A,B
#
loop_
_chem_comp.id
_chem_comp.type
_chem_comp.name
_chem_comp.formula
GOL non-polymer GLYCEROL 'C3 H8 O3'
#
# COMPACT_ATOMS: atom_id res chain seq x y z
N MET A 3 12.79 0.19 13.58
CA MET A 3 12.81 1.49 12.83
C MET A 3 11.74 2.41 13.38
N ALA A 4 12.12 3.67 13.59
CA ALA A 4 11.18 4.67 14.05
C ALA A 4 10.04 4.85 13.02
N ILE A 5 8.84 5.06 13.49
CA ILE A 5 7.73 5.41 12.61
C ILE A 5 7.27 6.78 13.06
N GLU A 6 7.39 7.75 12.16
CA GLU A 6 7.02 9.13 12.47
C GLU A 6 6.25 9.76 11.31
N PHE A 7 5.43 10.75 11.63
CA PHE A 7 4.74 11.52 10.62
C PHE A 7 4.82 13.00 10.92
N ASN A 8 5.11 13.78 9.87
CA ASN A 8 4.91 15.22 9.91
CA ASN A 8 4.90 15.24 9.91
C ASN A 8 3.48 15.44 9.43
N ILE A 9 2.65 16.11 10.23
CA ILE A 9 1.24 16.28 9.92
C ILE A 9 0.92 17.77 9.89
N GLN A 10 0.66 18.29 8.70
CA GLN A 10 0.48 19.73 8.51
C GLN A 10 -0.92 19.95 7.96
N GLU A 11 -1.68 20.86 8.55
CA GLU A 11 -2.92 21.28 7.97
C GLU A 11 -2.64 22.21 6.80
N SER A 12 -3.40 22.05 5.71
CA SER A 12 -3.31 22.95 4.58
C SER A 12 -3.65 24.38 4.98
N LYS A 13 -2.85 25.29 4.45
CA LYS A 13 -3.07 26.76 4.58
C LYS A 13 -3.98 27.31 3.47
N ILE A 14 -4.35 26.45 2.52
CA ILE A 14 -5.12 26.83 1.33
C ILE A 14 -6.57 26.36 1.48
N LEU A 15 -6.75 25.13 1.96
CA LEU A 15 -8.06 24.50 2.05
C LEU A 15 -8.29 23.92 3.45
N LYS A 16 -9.15 24.55 4.21
CA LYS A 16 -9.36 24.12 5.58
C LYS A 16 -9.88 22.68 5.64
N GLY A 17 -9.24 21.84 6.47
CA GLY A 17 -9.62 20.42 6.69
C GLY A 17 -8.67 19.46 5.98
N VAL A 18 -7.94 19.94 4.98
CA VAL A 18 -6.97 19.07 4.26
C VAL A 18 -5.71 18.92 5.09
N TYR A 19 -5.21 17.69 5.17
CA TYR A 19 -3.92 17.45 5.84
C TYR A 19 -2.90 16.93 4.84
N ILE A 20 -1.65 17.37 5.03
CA ILE A 20 -0.51 16.91 4.24
C ILE A 20 0.43 16.23 5.23
N ILE A 21 0.58 14.93 4.98
CA ILE A 21 1.26 14.02 5.93
C ILE A 21 2.47 13.46 5.24
N THR A 22 3.63 13.60 5.88
CA THR A 22 4.86 13.08 5.32
C THR A 22 5.48 12.05 6.28
N PRO A 23 5.69 10.82 5.80
CA PRO A 23 6.32 9.77 6.64
C PRO A 23 7.83 9.91 6.61
N ASN A 24 8.52 9.36 7.61
CA ASN A 24 9.94 9.17 7.48
C ASN A 24 10.13 7.96 6.53
N LYS A 25 11.23 7.92 5.84
CA LYS A 25 11.53 6.84 4.92
CA LYS A 25 11.54 6.83 4.90
C LYS A 25 12.98 6.43 5.09
N PHE A 26 13.24 5.14 4.95
CA PHE A 26 14.59 4.58 5.05
C PHE A 26 14.96 4.11 3.65
N ARG A 27 15.98 4.74 3.05
CA ARG A 27 16.43 4.39 1.70
C ARG A 27 17.86 3.93 1.72
N ASP A 28 18.14 2.90 0.92
CA ASP A 28 19.52 2.51 0.63
C ASP A 28 19.59 1.97 -0.79
N LEU A 29 20.72 1.38 -1.18
CA LEU A 29 20.88 0.88 -2.52
C LEU A 29 19.91 -0.22 -2.91
N ARG A 30 19.40 -0.96 -1.94
CA ARG A 30 18.45 -2.04 -2.22
C ARG A 30 17.04 -1.57 -2.50
N GLY A 31 16.68 -0.40 -1.98
CA GLY A 31 15.32 0.12 -2.07
C GLY A 31 14.96 1.01 -0.91
N GLU A 32 13.67 1.02 -0.55
CA GLU A 32 13.14 1.88 0.48
C GLU A 32 12.08 1.18 1.31
N ILE A 33 12.01 1.53 2.59
CA ILE A 33 11.00 1.04 3.51
C ILE A 33 10.35 2.26 4.16
N TRP A 34 9.01 2.23 4.29
CA TRP A 34 8.29 3.31 4.96
C TRP A 34 6.88 2.87 5.36
N THR A 35 6.36 3.52 6.40
CA THR A 35 5.02 3.27 6.89
C THR A 35 4.10 4.42 6.45
N ALA A 36 3.05 4.08 5.69
CA ALA A 36 2.13 5.06 5.12
C ALA A 36 1.06 5.51 6.10
N PHE A 37 0.76 4.65 7.10
CA PHE A 37 -0.41 4.85 7.95
C PHE A 37 -0.26 4.06 9.24
N THR A 38 -0.59 4.69 10.36
CA THR A 38 -0.98 3.93 11.54
C THR A 38 -2.30 4.47 12.04
N SER A 39 -3.14 3.59 12.60
CA SER A 39 -4.45 4.02 13.10
C SER A 39 -4.26 5.05 14.19
N LYS A 40 -3.36 4.76 15.12
CA LYS A 40 -3.12 5.65 16.23
C LYS A 40 -2.78 7.08 15.81
N ALA A 41 -1.90 7.24 14.81
CA ALA A 41 -1.42 8.56 14.42
C ALA A 41 -2.40 9.28 13.48
N VAL A 42 -3.09 8.53 12.63
CA VAL A 42 -3.84 9.14 11.50
C VAL A 42 -5.35 9.06 11.63
N ASP A 43 -5.91 7.99 12.22
CA ASP A 43 -7.36 7.96 12.43
C ASP A 43 -7.81 9.13 13.36
N LYS A 44 -6.91 9.58 14.24
CA LYS A 44 -7.17 10.68 15.16
C LYS A 44 -7.56 11.97 14.43
N LEU A 45 -7.22 12.09 13.14
CA LEU A 45 -7.53 13.28 12.35
C LEU A 45 -8.96 13.33 11.83
N LEU A 46 -9.64 12.20 11.85
CA LEU A 46 -11.02 12.09 11.43
C LEU A 46 -11.97 12.52 12.54
N PRO A 47 -13.21 12.89 12.17
CA PRO A 47 -14.14 13.31 13.18
C PRO A 47 -14.83 12.20 13.95
N ASN A 48 -15.04 12.43 15.25
CA ASN A 48 -15.97 11.61 16.06
C ASN A 48 -15.75 10.08 15.99
N GLY A 49 -14.49 9.71 16.05
CA GLY A 49 -14.15 8.29 16.11
C GLY A 49 -14.21 7.57 14.80
N LEU A 50 -14.53 8.26 13.69
CA LEU A 50 -14.48 7.59 12.38
C LEU A 50 -13.10 7.02 12.11
N LYS A 51 -13.03 5.89 11.41
CA LYS A 51 -11.76 5.27 11.08
C LYS A 51 -11.67 4.91 9.62
N PHE A 52 -10.47 4.94 9.05
CA PHE A 52 -10.29 4.36 7.71
C PHE A 52 -10.50 2.84 7.75
N ILE A 53 -11.25 2.34 6.79
CA ILE A 53 -11.74 0.92 6.79
C ILE A 53 -11.57 0.20 5.46
N HIS A 54 -11.00 0.86 4.44
CA HIS A 54 -10.90 0.27 3.11
C HIS A 54 -9.52 0.72 2.53
N ASP A 55 -8.86 -0.15 1.80
CA ASP A 55 -7.59 0.17 1.11
C ASP A 55 -7.76 -0.19 -0.36
N LYS A 56 -7.44 0.78 -1.23
CA LYS A 56 -7.64 0.61 -2.67
C LYS A 56 -6.40 0.98 -3.43
N PHE A 57 -6.21 0.31 -4.58
CA PHE A 57 -5.09 0.65 -5.46
C PHE A 57 -5.63 0.91 -6.87
N ILE A 58 -5.03 1.90 -7.54
CA ILE A 58 -5.30 2.19 -8.98
C ILE A 58 -3.98 2.22 -9.70
N HIS A 59 -3.74 1.29 -10.64
CA HIS A 59 -2.51 1.30 -11.43
C HIS A 59 -2.92 1.87 -12.78
N SER A 60 -2.28 2.97 -13.20
CA SER A 60 -2.62 3.63 -14.46
C SER A 60 -1.38 3.86 -15.31
N LYS A 61 -1.57 3.80 -16.63
CA LYS A 61 -0.52 4.08 -17.56
C LYS A 61 -0.24 5.58 -17.69
N HIS A 62 0.96 5.87 -18.21
CA HIS A 62 1.35 7.23 -18.56
C HIS A 62 0.22 8.01 -19.25
N ASN A 63 0.02 9.23 -18.76
CA ASN A 63 -0.85 10.23 -19.37
C ASN A 63 -2.32 10.02 -19.06
N VAL A 64 -2.61 9.02 -18.20
CA VAL A 64 -3.99 8.81 -17.74
C VAL A 64 -4.33 9.82 -16.63
N ILE A 65 -5.56 10.32 -16.69
CA ILE A 65 -6.10 11.14 -15.62
C ILE A 65 -7.32 10.45 -15.00
N ARG A 66 -7.42 10.58 -13.70
CA ARG A 66 -8.56 10.04 -12.93
C ARG A 66 -9.16 11.19 -12.15
N GLY A 67 -10.47 11.32 -12.16
CA GLY A 67 -11.18 12.34 -11.39
C GLY A 67 -11.97 13.27 -12.28
N ILE A 68 -12.52 14.35 -11.73
CA ILE A 68 -12.51 14.76 -10.33
C ILE A 68 -13.74 14.17 -9.64
N HIS A 69 -13.53 13.40 -8.57
CA HIS A 69 -14.63 12.65 -7.91
C HIS A 69 -14.68 12.96 -6.42
N GLY A 70 -15.90 13.08 -5.90
CA GLY A 70 -16.07 13.20 -4.45
C GLY A 70 -17.48 12.91 -4.02
N ASP A 71 -17.72 13.01 -2.71
CA ASP A 71 -19.09 12.96 -2.17
C ASP A 71 -19.11 13.71 -0.82
N VAL A 72 -20.24 13.72 -0.13
CA VAL A 72 -20.34 14.49 1.12
C VAL A 72 -20.10 13.65 2.37
N LYS A 73 -19.78 12.36 2.20
CA LYS A 73 -19.61 11.46 3.34
C LYS A 73 -18.23 10.84 3.48
N THR A 74 -17.47 10.74 2.41
CA THR A 74 -16.28 9.92 2.38
C THR A 74 -15.00 10.73 2.56
N TYR A 75 -14.18 10.32 3.54
CA TYR A 75 -12.83 10.85 3.72
C TYR A 75 -11.86 9.90 3.01
N LYS A 76 -10.80 10.46 2.42
CA LYS A 76 -9.77 9.67 1.72
C LYS A 76 -8.38 10.03 2.17
N LEU A 77 -7.46 9.08 2.06
CA LEU A 77 -6.04 9.32 2.36
C LEU A 77 -5.27 8.77 1.20
N ALA A 78 -4.59 9.64 0.42
CA ALA A 78 -4.05 9.24 -0.86
C ALA A 78 -2.57 9.53 -1.05
N THR A 79 -1.91 8.61 -1.76
CA THR A 79 -0.50 8.86 -2.13
C THR A 79 -0.17 7.99 -3.38
N CYS A 80 1.08 8.10 -3.83
CA CYS A 80 1.59 7.33 -4.95
C CYS A 80 2.75 6.48 -4.46
N VAL A 81 2.62 5.15 -4.60
CA VAL A 81 3.63 4.24 -4.09
C VAL A 81 4.53 3.65 -5.17
N TYR A 82 4.30 4.03 -6.44
CA TYR A 82 5.22 3.71 -7.53
C TYR A 82 5.02 4.75 -8.61
N GLY A 83 6.11 5.34 -9.09
CA GLY A 83 6.04 6.30 -10.17
C GLY A 83 5.82 7.74 -9.65
N GLU A 84 5.18 8.56 -10.50
CA GLU A 84 4.93 9.96 -10.16
C GLU A 84 3.54 10.35 -10.62
N ILE A 85 2.85 11.12 -9.75
CA ILE A 85 1.56 11.70 -10.08
C ILE A 85 1.55 13.21 -9.76
N HIS A 86 0.64 13.90 -10.42
CA HIS A 86 0.13 15.16 -9.91
C HIS A 86 -1.20 14.86 -9.23
N GLN A 87 -1.25 15.09 -7.92
CA GLN A 87 -2.46 14.84 -7.13
C GLN A 87 -3.16 16.17 -6.84
N VAL A 88 -4.46 16.20 -7.03
CA VAL A 88 -5.21 17.46 -6.91
C VAL A 88 -6.40 17.23 -5.97
N VAL A 89 -6.59 18.17 -5.05
CA VAL A 89 -7.79 18.21 -4.21
CA VAL A 89 -7.75 18.22 -4.19
C VAL A 89 -8.51 19.52 -4.45
N VAL A 90 -9.83 19.44 -4.53
CA VAL A 90 -10.69 20.58 -4.83
C VAL A 90 -11.74 20.71 -3.72
N ASP A 91 -11.88 21.89 -3.14
CA ASP A 91 -12.93 22.11 -2.17
C ASP A 91 -14.27 22.22 -2.88
N CYS A 92 -15.16 21.23 -2.73
CA CYS A 92 -16.46 21.24 -3.38
C CYS A 92 -17.62 21.46 -2.38
N ARG A 93 -17.33 22.12 -1.26
CA ARG A 93 -18.33 22.49 -0.27
C ARG A 93 -18.85 23.89 -0.69
N LYS A 94 -20.09 23.96 -1.16
CA LYS A 94 -20.67 25.23 -1.64
C LYS A 94 -20.65 26.42 -0.67
N ASP A 95 -20.77 26.14 0.61
CA ASP A 95 -20.77 27.15 1.69
C ASP A 95 -19.36 27.61 2.13
N SER A 96 -18.33 26.94 1.61
CA SER A 96 -16.95 27.18 2.02
C SER A 96 -16.43 28.50 1.45
N PRO A 97 -15.63 29.24 2.24
CA PRO A 97 -14.93 30.41 1.68
C PRO A 97 -13.90 30.08 0.57
N THR A 98 -13.47 28.82 0.49
CA THR A 98 -12.57 28.36 -0.56
C THR A 98 -13.25 27.38 -1.55
N TYR A 99 -14.57 27.51 -1.73
CA TYR A 99 -15.28 26.73 -2.73
C TYR A 99 -14.65 26.83 -4.12
N LEU A 100 -14.38 25.67 -4.71
CA LEU A 100 -13.73 25.48 -6.01
C LEU A 100 -12.29 25.94 -6.13
N LYS A 101 -11.67 26.27 -5.01
CA LYS A 101 -10.23 26.40 -4.94
C LYS A 101 -9.66 24.98 -4.90
N TYR A 102 -8.39 24.87 -5.28
CA TYR A 102 -7.67 23.62 -5.31
C TYR A 102 -6.25 23.71 -4.78
N GLU A 103 -5.67 22.56 -4.49
CA GLU A 103 -4.29 22.41 -4.15
C GLU A 103 -3.72 21.22 -4.90
N LYS A 104 -2.50 21.34 -5.38
CA LYS A 104 -1.84 20.29 -6.20
C LYS A 104 -0.53 19.89 -5.57
N PHE A 105 -0.22 18.60 -5.65
CA PHE A 105 1.00 18.05 -5.08
C PHE A 105 1.62 17.12 -6.11
N ILE A 106 2.92 17.24 -6.35
CA ILE A 106 3.65 16.31 -7.17
C ILE A 106 4.24 15.29 -6.22
N ILE A 107 3.76 14.05 -6.37
CA ILE A 107 4.05 12.99 -5.41
C ILE A 107 4.88 11.92 -6.11
N ASN A 108 6.03 11.61 -5.50
CA ASN A 108 6.90 10.58 -6.05
C ASN A 108 7.79 10.08 -4.89
N GLN A 109 8.75 9.22 -5.18
CA GLN A 109 9.55 8.59 -4.11
C GLN A 109 10.38 9.60 -3.28
N ASP A 110 10.70 10.75 -3.90
CA ASP A 110 11.44 11.81 -3.20
C ASP A 110 10.55 12.88 -2.55
N ASN A 111 9.25 12.73 -2.71
CA ASN A 111 8.28 13.69 -2.23
C ASN A 111 7.05 12.89 -1.87
N GLN A 112 7.20 12.16 -0.77
CA GLN A 112 6.18 11.14 -0.37
C GLN A 112 5.08 11.77 0.48
N GLN A 113 4.42 12.79 -0.05
CA GLN A 113 3.30 13.36 0.64
C GLN A 113 2.08 12.43 0.54
N ILE A 114 1.30 12.45 1.62
CA ILE A 114 0.10 11.63 1.77
C ILE A 114 -1.01 12.62 2.14
N ILE A 115 -2.05 12.69 1.30
CA ILE A 115 -3.02 13.77 1.42
C ILE A 115 -4.34 13.25 2.00
N LEU A 116 -4.77 13.85 3.11
CA LEU A 116 -6.08 13.55 3.67
C LEU A 116 -7.11 14.49 3.00
N VAL A 117 -8.00 13.89 2.21
CA VAL A 117 -9.02 14.57 1.40
C VAL A 117 -10.34 14.45 2.14
N PRO A 118 -10.83 15.52 2.77
CA PRO A 118 -12.05 15.42 3.54
C PRO A 118 -13.31 15.16 2.76
N ALA A 119 -14.35 14.75 3.48
CA ALA A 119 -15.67 14.70 2.93
C ALA A 119 -16.00 16.07 2.32
N GLY A 120 -16.67 16.05 1.18
CA GLY A 120 -17.05 17.27 0.48
C GLY A 120 -15.98 17.81 -0.47
N PHE A 121 -14.86 17.11 -0.64
CA PHE A 121 -13.82 17.53 -1.56
C PHE A 121 -13.78 16.58 -2.74
N GLY A 122 -13.36 17.11 -3.88
CA GLY A 122 -13.06 16.31 -5.04
C GLY A 122 -11.60 15.91 -5.10
N ASN A 123 -11.37 14.71 -5.65
CA ASN A 123 -10.08 14.05 -5.72
C ASN A 123 -9.73 13.72 -7.17
N ALA A 124 -8.48 13.98 -7.56
CA ALA A 124 -8.04 13.67 -8.94
C ALA A 124 -6.53 13.46 -8.99
N HIS A 125 -6.08 12.70 -9.98
CA HIS A 125 -4.66 12.58 -10.22
C HIS A 125 -4.32 12.29 -11.66
N TYR A 126 -3.08 12.65 -12.01
CA TYR A 126 -2.55 12.48 -13.35
C TYR A 126 -1.20 11.80 -13.33
N VAL A 127 -0.98 10.84 -14.24
CA VAL A 127 0.26 10.05 -14.25
C VAL A 127 1.30 10.63 -15.21
N THR A 128 2.42 11.06 -14.66
CA THR A 128 3.54 11.61 -15.46
C THR A 128 4.57 10.55 -15.83
N SER A 129 4.70 9.51 -14.99
CA SER A 129 5.68 8.46 -15.21
C SER A 129 5.18 7.42 -16.22
N GLU A 130 5.99 6.40 -16.50
CA GLU A 130 5.60 5.35 -17.45
C GLU A 130 4.30 4.67 -17.00
N SER A 131 4.24 4.41 -15.70
CA SER A 131 2.97 4.02 -15.07
C SER A 131 3.07 4.48 -13.61
N ALA A 132 1.95 4.44 -12.90
CA ALA A 132 1.95 4.78 -11.48
C ALA A 132 0.96 3.94 -10.71
N VAL A 133 1.31 3.67 -9.46
CA VAL A 133 0.40 2.96 -8.55
C VAL A 133 -0.05 3.98 -7.50
N TYR A 134 -1.36 4.25 -7.53
CA TYR A 134 -2.02 5.13 -6.59
C TYR A 134 -2.58 4.28 -5.47
N TYR A 135 -2.39 4.76 -4.25
CA TYR A 135 -2.90 4.04 -3.05
C TYR A 135 -3.82 4.99 -2.33
N TYR A 136 -5.04 4.56 -2.00
CA TYR A 136 -5.82 5.40 -1.08
C TYR A 136 -6.65 4.56 -0.12
N LYS A 137 -6.81 5.15 1.05
CA LYS A 137 -7.70 4.58 2.07
C LYS A 137 -8.99 5.40 2.10
N CYS A 138 -10.11 4.79 2.47
CA CYS A 138 -11.40 5.45 2.59
C CYS A 138 -12.03 5.23 3.98
N ALA A 139 -12.72 6.27 4.45
CA ALA A 139 -13.49 6.22 5.71
C ALA A 139 -14.88 6.77 5.46
N TYR A 140 -15.90 6.07 5.91
CA TYR A 140 -17.29 6.49 5.84
C TYR A 140 -18.06 5.71 6.90
N LYS A 141 -19.18 6.26 7.34
CA LYS A 141 -20.13 5.52 8.19
C LYS A 141 -21.07 4.65 7.36
N ALA A 147 -23.04 2.60 -6.22
CA ALA A 147 -23.43 3.93 -6.65
C ALA A 147 -22.26 4.69 -7.29
N PRO A 148 -22.55 5.53 -8.30
CA PRO A 148 -21.54 6.50 -8.73
C PRO A 148 -21.22 7.53 -7.62
N ASP A 149 -20.05 8.16 -7.71
CA ASP A 149 -19.63 9.23 -6.80
C ASP A 149 -20.72 10.29 -6.83
N GLN A 150 -21.04 10.89 -5.69
CA GLN A 150 -22.09 11.89 -5.63
C GLN A 150 -21.80 13.05 -6.56
N PHE A 151 -20.54 13.47 -6.71
CA PHE A 151 -20.24 14.43 -7.77
C PHE A 151 -18.96 14.08 -8.54
N THR A 152 -19.01 14.32 -9.85
CA THR A 152 -17.88 14.20 -10.74
C THR A 152 -17.81 15.45 -11.56
N TYR A 153 -16.63 16.10 -11.56
CA TYR A 153 -16.35 17.29 -12.38
C TYR A 153 -15.28 17.02 -13.40
N ALA A 154 -15.35 17.74 -14.55
CA ALA A 154 -14.37 17.52 -15.59
C ALA A 154 -12.99 17.94 -15.10
N TRP A 155 -11.98 17.17 -15.48
CA TRP A 155 -10.58 17.48 -15.20
C TRP A 155 -10.22 18.96 -15.47
N ASN A 156 -10.71 19.48 -16.60
CA ASN A 156 -10.39 20.83 -17.06
C ASN A 156 -11.55 21.81 -16.86
N ASP A 157 -12.43 21.54 -15.90
CA ASP A 157 -13.54 22.44 -15.53
C ASP A 157 -12.99 23.86 -15.41
N GLU A 158 -13.57 24.77 -16.18
CA GLU A 158 -13.07 26.15 -16.23
C GLU A 158 -13.24 26.94 -14.92
N ARG A 159 -14.21 26.55 -14.11
CA ARG A 159 -14.41 27.20 -12.82
C ARG A 159 -13.25 26.91 -11.87
N ILE A 160 -12.66 25.72 -12.01
CA ILE A 160 -11.58 25.34 -11.12
C ILE A 160 -10.25 25.79 -11.68
N GLY A 161 -10.04 25.60 -12.99
CA GLY A 161 -8.83 26.04 -13.62
C GLY A 161 -7.53 25.40 -13.22
N ILE A 162 -7.57 24.08 -13.02
CA ILE A 162 -6.38 23.37 -12.58
C ILE A 162 -5.27 23.46 -13.64
N ASP A 163 -4.06 23.83 -13.20
CA ASP A 163 -2.87 23.79 -14.06
C ASP A 163 -2.23 22.38 -14.14
N TRP A 164 -2.77 21.54 -15.01
CA TRP A 164 -2.26 20.22 -15.28
C TRP A 164 -1.06 20.30 -16.24
N PRO A 165 -0.18 19.29 -16.20
CA PRO A 165 1.03 19.34 -17.05
C PRO A 165 0.83 18.98 -18.52
N THR A 166 -0.40 18.68 -18.92
CA THR A 166 -0.74 18.43 -20.30
C THR A 166 -2.11 19.01 -20.60
N ASN A 167 -2.35 19.31 -21.87
CA ASN A 167 -3.68 19.62 -22.37
C ASN A 167 -4.38 18.43 -22.99
N SER A 168 -3.72 17.27 -23.04
CA SER A 168 -4.20 16.12 -23.82
C SER A 168 -4.07 14.80 -23.03
N PRO A 169 -4.72 14.72 -21.86
CA PRO A 169 -4.70 13.46 -21.10
C PRO A 169 -5.58 12.37 -21.73
N ILE A 170 -5.28 11.13 -21.35
CA ILE A 170 -6.16 9.99 -21.65
C ILE A 170 -7.30 9.99 -20.65
N LEU A 171 -8.52 10.03 -21.18
CA LEU A 171 -9.75 10.14 -20.41
C LEU A 171 -10.69 8.93 -20.47
N SER A 172 -10.53 8.08 -21.48
CA SER A 172 -11.35 6.88 -21.64
C SER A 172 -10.52 5.81 -22.28
N GLU A 173 -11.02 4.58 -22.28
CA GLU A 173 -10.32 3.50 -22.93
C GLU A 173 -10.10 3.76 -24.45
N ARG A 174 -11.07 4.35 -25.10
CA ARG A 174 -10.89 4.66 -26.53
C ARG A 174 -9.63 5.46 -26.82
N ASP A 175 -9.33 6.40 -25.93
CA ASP A 175 -8.25 7.40 -26.15
C ASP A 175 -6.85 6.73 -26.19
N ILE A 176 -6.71 5.50 -25.65
CA ILE A 176 -5.38 4.92 -25.49
C ILE A 176 -5.19 3.90 -26.60
N ILE B 5 -17.21 -5.07 -4.57
CA ILE B 5 -16.01 -5.45 -3.76
C ILE B 5 -16.25 -6.86 -3.26
N GLU B 6 -15.44 -7.77 -3.76
CA GLU B 6 -15.54 -9.16 -3.39
C GLU B 6 -14.18 -9.66 -3.01
N PHE B 7 -14.18 -10.62 -2.10
CA PHE B 7 -12.99 -11.40 -1.83
C PHE B 7 -13.28 -12.88 -1.88
N ASN B 8 -12.40 -13.62 -2.52
CA ASN B 8 -12.33 -15.06 -2.33
C ASN B 8 -11.35 -15.30 -1.16
N ILE B 9 -11.80 -15.97 -0.11
CA ILE B 9 -10.96 -16.23 1.09
C ILE B 9 -10.85 -17.74 1.26
N GLN B 10 -9.63 -18.25 1.22
CA GLN B 10 -9.37 -19.68 1.38
C GLN B 10 -8.33 -19.88 2.46
N GLU B 11 -8.47 -20.95 3.22
CA GLU B 11 -7.42 -21.34 4.14
C GLU B 11 -6.33 -22.06 3.33
N SER B 12 -5.08 -21.92 3.76
CA SER B 12 -3.99 -22.66 3.16
C SER B 12 -4.24 -24.16 3.10
N LYS B 13 -3.80 -24.76 2.01
CA LYS B 13 -3.94 -26.18 1.80
C LYS B 13 -3.01 -26.97 2.73
N ILE B 14 -2.00 -26.30 3.28
CA ILE B 14 -0.96 -26.99 4.08
C ILE B 14 -0.61 -26.41 5.44
N LEU B 15 -0.75 -25.10 5.68
CA LEU B 15 -0.33 -24.48 6.95
C LEU B 15 -1.55 -23.90 7.65
N LYS B 16 -1.98 -24.54 8.72
CA LYS B 16 -3.14 -24.09 9.45
C LYS B 16 -3.00 -22.66 9.98
N GLY B 17 -4.04 -21.85 9.75
CA GLY B 17 -4.06 -20.45 10.19
C GLY B 17 -3.72 -19.45 9.06
N VAL B 18 -3.03 -19.90 8.03
CA VAL B 18 -2.69 -19.01 6.89
C VAL B 18 -3.94 -18.89 6.02
N TYR B 19 -4.24 -17.66 5.59
CA TYR B 19 -5.33 -17.42 4.63
C TYR B 19 -4.79 -16.77 3.35
N ILE B 20 -5.42 -17.14 2.24
CA ILE B 20 -5.12 -16.62 0.92
C ILE B 20 -6.36 -15.91 0.43
N ILE B 21 -6.23 -14.60 0.21
CA ILE B 21 -7.35 -13.74 -0.07
C ILE B 21 -7.13 -13.17 -1.48
N THR B 22 -8.13 -13.27 -2.34
CA THR B 22 -8.00 -12.79 -3.73
C THR B 22 -9.14 -11.80 -4.00
N PRO B 23 -8.80 -10.54 -4.35
CA PRO B 23 -9.79 -9.51 -4.68
C PRO B 23 -10.28 -9.65 -6.11
N ASN B 24 -11.47 -9.12 -6.39
CA ASN B 24 -11.85 -8.91 -7.76
C ASN B 24 -11.09 -7.64 -8.26
N LYS B 25 -10.80 -7.60 -9.53
CA LYS B 25 -10.09 -6.47 -10.11
C LYS B 25 -10.85 -6.02 -11.35
N PHE B 26 -10.81 -4.72 -11.57
CA PHE B 26 -11.46 -4.11 -12.75
C PHE B 26 -10.35 -3.56 -13.64
N ARG B 27 -10.19 -4.13 -14.82
CA ARG B 27 -9.08 -3.82 -15.70
C ARG B 27 -9.58 -3.34 -17.05
N ASP B 28 -8.89 -2.33 -17.60
CA ASP B 28 -9.08 -1.96 -19.00
C ASP B 28 -7.73 -1.50 -19.54
N LEU B 29 -7.71 -0.94 -20.74
CA LEU B 29 -6.42 -0.59 -21.35
C LEU B 29 -5.68 0.55 -20.64
N ARG B 30 -6.38 1.33 -19.84
CA ARG B 30 -5.77 2.38 -19.03
C ARG B 30 -5.06 1.89 -17.77
N GLY B 31 -5.46 0.73 -17.27
CA GLY B 31 -4.92 0.20 -16.00
C GLY B 31 -5.96 -0.61 -15.26
N GLU B 32 -5.87 -0.61 -13.93
CA GLU B 32 -6.76 -1.47 -13.13
C GLU B 32 -7.01 -0.82 -11.78
N ILE B 33 -8.19 -1.15 -11.23
CA ILE B 33 -8.63 -0.69 -9.93
C ILE B 33 -9.01 -1.93 -9.10
N TRP B 34 -8.62 -1.94 -7.83
CA TRP B 34 -9.03 -3.05 -6.96
C TRP B 34 -8.93 -2.64 -5.50
N THR B 35 -9.70 -3.33 -4.67
CA THR B 35 -9.70 -3.15 -3.21
C THR B 35 -8.90 -4.28 -2.56
N ALA B 36 -7.86 -3.91 -1.81
CA ALA B 36 -6.96 -4.87 -1.15
C ALA B 36 -7.48 -5.30 0.19
N PHE B 37 -8.33 -4.51 0.83
CA PHE B 37 -8.72 -4.79 2.23
C PHE B 37 -9.98 -4.02 2.56
N THR B 38 -10.93 -4.67 3.24
CA THR B 38 -11.89 -3.96 4.04
C THR B 38 -11.86 -4.53 5.45
N SER B 39 -12.16 -3.69 6.42
CA SER B 39 -12.21 -4.15 7.81
C SER B 39 -13.29 -5.22 7.99
N LYS B 40 -14.44 -4.98 7.42
CA LYS B 40 -15.57 -5.88 7.52
C LYS B 40 -15.19 -7.29 7.03
N ALA B 41 -14.50 -7.41 5.92
CA ALA B 41 -14.24 -8.71 5.34
C ALA B 41 -13.01 -9.42 5.93
N VAL B 42 -11.99 -8.64 6.32
CA VAL B 42 -10.69 -9.20 6.65
C VAL B 42 -10.32 -9.15 8.15
N ASP B 43 -10.72 -8.08 8.86
CA ASP B 43 -10.40 -8.02 10.29
C ASP B 43 -11.08 -9.20 11.02
N LYS B 44 -12.20 -9.70 10.51
CA LYS B 44 -12.92 -10.85 11.07
C LYS B 44 -12.05 -12.11 11.16
N LEU B 45 -10.98 -12.19 10.39
CA LEU B 45 -10.09 -13.37 10.41
C LEU B 45 -9.10 -13.36 11.56
N LEU B 46 -8.95 -12.23 12.25
CA LEU B 46 -8.05 -12.09 13.39
C LEU B 46 -8.64 -12.58 14.69
N PRO B 47 -7.78 -12.78 15.69
CA PRO B 47 -8.32 -13.03 17.02
C PRO B 47 -9.29 -11.97 17.52
N ASN B 48 -10.25 -12.38 18.33
CA ASN B 48 -11.29 -11.52 18.79
C ASN B 48 -10.77 -10.17 19.28
N GLY B 49 -11.36 -9.10 18.78
CA GLY B 49 -11.00 -7.77 19.20
C GLY B 49 -9.80 -7.13 18.55
N LEU B 50 -9.07 -7.86 17.73
CA LEU B 50 -7.88 -7.34 17.09
C LEU B 50 -8.24 -6.84 15.70
N LYS B 51 -7.55 -5.76 15.28
CA LYS B 51 -7.71 -5.19 13.94
C LYS B 51 -6.34 -4.83 13.34
N PHE B 52 -6.26 -4.86 12.00
CA PHE B 52 -5.06 -4.31 11.37
C PHE B 52 -4.97 -2.79 11.58
N ILE B 53 -3.79 -2.35 11.91
CA ILE B 53 -3.56 -0.97 12.36
C ILE B 53 -2.41 -0.19 11.65
N HIS B 54 -1.61 -0.88 10.84
CA HIS B 54 -0.44 -0.23 10.18
C HIS B 54 -0.46 -0.67 8.72
N ASP B 55 -0.01 0.23 7.84
CA ASP B 55 0.19 -0.05 6.42
C ASP B 55 1.62 0.34 6.06
N LYS B 56 2.35 -0.61 5.47
CA LYS B 56 3.79 -0.41 5.21
CA LYS B 56 3.80 -0.43 5.19
C LYS B 56 4.11 -0.81 3.76
N PHE B 57 5.12 -0.13 3.19
CA PHE B 57 5.57 -0.41 1.84
C PHE B 57 7.06 -0.65 1.82
N ILE B 58 7.46 -1.64 1.01
CA ILE B 58 8.87 -1.89 0.78
C ILE B 58 9.08 -1.97 -0.72
N HIS B 59 9.86 -1.02 -1.26
CA HIS B 59 10.22 -1.07 -2.69
C HIS B 59 11.62 -1.63 -2.77
N SER B 60 11.82 -2.73 -3.49
CA SER B 60 13.12 -3.34 -3.61
C SER B 60 13.47 -3.62 -5.06
N LYS B 61 14.77 -3.56 -5.35
CA LYS B 61 15.28 -3.93 -6.65
C LYS B 61 15.25 -5.43 -6.94
N HIS B 62 15.33 -5.75 -8.23
CA HIS B 62 15.52 -7.12 -8.69
C HIS B 62 16.52 -7.88 -7.85
N ASN B 63 16.13 -9.10 -7.50
CA ASN B 63 17.04 -10.06 -6.86
C ASN B 63 17.28 -9.81 -5.38
N VAL B 64 16.60 -8.84 -4.79
CA VAL B 64 16.68 -8.58 -3.35
C VAL B 64 15.76 -9.57 -2.64
N ILE B 65 16.26 -10.07 -1.50
CA ILE B 65 15.43 -10.85 -0.54
C ILE B 65 15.26 -10.02 0.70
N ARG B 66 14.05 -10.06 1.25
CA ARG B 66 13.76 -9.49 2.56
C ARG B 66 13.26 -10.65 3.44
N GLY B 67 13.74 -10.72 4.67
CA GLY B 67 13.34 -11.79 5.61
C GLY B 67 14.52 -12.66 6.00
N ILE B 68 14.27 -13.73 6.76
CA ILE B 68 12.95 -14.19 7.23
C ILE B 68 12.74 -13.63 8.63
N HIS B 69 11.64 -12.89 8.85
CA HIS B 69 11.37 -12.23 10.13
CA HIS B 69 11.41 -12.32 10.16
C HIS B 69 10.01 -12.64 10.70
N GLY B 70 9.96 -12.83 12.02
CA GLY B 70 8.67 -13.07 12.66
C GLY B 70 8.75 -12.90 14.15
N ASP B 71 7.63 -13.13 14.82
CA ASP B 71 7.54 -13.09 16.27
C ASP B 71 6.32 -13.92 16.71
N VAL B 72 5.98 -13.89 17.99
CA VAL B 72 4.82 -14.69 18.46
C VAL B 72 3.53 -13.89 18.63
N LYS B 73 3.50 -12.62 18.18
CA LYS B 73 2.30 -11.81 18.34
C LYS B 73 1.80 -11.02 17.14
N THR B 74 2.58 -10.87 16.08
CA THR B 74 2.19 -9.98 14.97
C THR B 74 1.61 -10.76 13.82
N TYR B 75 0.40 -10.32 13.40
CA TYR B 75 -0.28 -10.84 12.23
C TYR B 75 0.01 -9.85 11.08
N LYS B 76 0.23 -10.41 9.89
CA LYS B 76 0.54 -9.58 8.73
C LYS B 76 -0.37 -9.93 7.57
N LEU B 77 -0.59 -8.96 6.69
CA LEU B 77 -1.38 -9.19 5.47
C LEU B 77 -0.57 -8.66 4.31
N ALA B 78 -0.07 -9.52 3.43
CA ALA B 78 1.01 -9.13 2.48
C ALA B 78 0.66 -9.42 1.04
N THR B 79 1.03 -8.47 0.17
CA THR B 79 0.88 -8.65 -1.26
C THR B 79 1.92 -7.81 -2.01
N CYS B 80 1.88 -7.89 -3.35
CA CYS B 80 2.77 -7.11 -4.22
C CYS B 80 1.89 -6.28 -5.13
N VAL B 81 2.03 -4.94 -5.01
CA VAL B 81 1.17 -4.01 -5.79
C VAL B 81 1.89 -3.42 -7.02
N TYR B 82 3.15 -3.77 -7.22
CA TYR B 82 3.84 -3.47 -8.49
C TYR B 82 4.94 -4.52 -8.69
N GLY B 83 4.98 -5.13 -9.87
CA GLY B 83 6.01 -6.10 -10.16
C GLY B 83 5.61 -7.52 -9.78
N GLU B 84 6.62 -8.32 -9.43
CA GLU B 84 6.39 -9.72 -9.07
C GLU B 84 7.31 -10.08 -7.93
N ILE B 85 6.77 -10.85 -6.99
CA ILE B 85 7.55 -11.45 -5.87
C ILE B 85 7.27 -12.94 -5.77
N HIS B 86 8.23 -13.62 -5.16
CA HIS B 86 7.95 -14.91 -4.51
C HIS B 86 7.86 -14.62 -3.01
N GLN B 87 6.66 -14.82 -2.49
CA GLN B 87 6.33 -14.57 -1.08
C GLN B 87 6.40 -15.90 -0.34
N VAL B 88 7.07 -15.90 0.82
CA VAL B 88 7.24 -17.16 1.57
C VAL B 88 6.77 -16.92 3.00
N VAL B 89 5.99 -17.92 3.50
CA VAL B 89 5.61 -17.97 4.92
C VAL B 89 6.14 -19.27 5.52
N VAL B 90 6.72 -19.16 6.72
CA VAL B 90 7.29 -20.33 7.39
C VAL B 90 6.55 -20.51 8.73
N ASP B 91 6.03 -21.73 8.99
CA ASP B 91 5.40 -22.03 10.28
C ASP B 91 6.51 -22.17 11.31
N CYS B 92 6.60 -21.24 12.25
CA CYS B 92 7.62 -21.30 13.30
C CYS B 92 7.03 -21.58 14.69
N ARG B 93 5.87 -22.22 14.72
CA ARG B 93 5.23 -22.67 15.96
C ARG B 93 5.75 -24.09 16.32
N LYS B 94 6.55 -24.21 17.36
CA LYS B 94 7.23 -25.49 17.72
C LYS B 94 6.32 -26.70 17.94
N ASP B 95 5.12 -26.45 18.43
CA ASP B 95 4.11 -27.52 18.71
C ASP B 95 3.33 -28.00 17.47
N SER B 96 3.52 -27.28 16.36
CA SER B 96 2.74 -27.49 15.16
C SER B 96 3.20 -28.71 14.38
N PRO B 97 2.25 -29.46 13.77
CA PRO B 97 2.63 -30.60 12.93
C PRO B 97 3.38 -30.15 11.66
N THR B 98 3.25 -28.87 11.29
CA THR B 98 3.98 -28.32 10.14
C THR B 98 5.09 -27.38 10.55
N TYR B 99 5.66 -27.54 11.74
CA TYR B 99 6.81 -26.74 12.18
C TYR B 99 7.99 -26.78 11.21
N LEU B 100 8.44 -25.58 10.80
CA LEU B 100 9.51 -25.34 9.81
C LEU B 100 9.20 -25.75 8.38
N LYS B 101 7.93 -26.10 8.13
CA LYS B 101 7.43 -26.16 6.77
C LYS B 101 7.11 -24.73 6.30
N TYR B 102 7.05 -24.60 4.98
CA TYR B 102 6.79 -23.30 4.37
C TYR B 102 5.80 -23.45 3.22
N GLU B 103 5.28 -22.29 2.82
CA GLU B 103 4.48 -22.16 1.63
C GLU B 103 5.00 -20.93 0.86
N LYS B 104 5.09 -21.10 -0.46
CA LYS B 104 5.50 -20.01 -1.34
CA LYS B 104 5.51 -20.03 -1.38
C LYS B 104 4.36 -19.70 -2.31
N PHE B 105 4.22 -18.39 -2.59
CA PHE B 105 3.20 -17.86 -3.51
C PHE B 105 3.90 -16.89 -4.49
N ILE B 106 3.61 -17.06 -5.79
CA ILE B 106 4.12 -16.10 -6.79
C ILE B 106 2.99 -15.09 -7.00
N ILE B 107 3.28 -13.84 -6.65
CA ILE B 107 2.29 -12.78 -6.57
C ILE B 107 2.64 -11.68 -7.60
N ASN B 108 1.69 -11.36 -8.47
CA ASN B 108 1.88 -10.27 -9.49
C ASN B 108 0.51 -9.76 -9.87
N GLN B 109 0.42 -8.88 -10.86
CA GLN B 109 -0.87 -8.27 -11.21
C GLN B 109 -1.94 -9.26 -11.71
N ASP B 110 -1.50 -10.39 -12.27
CA ASP B 110 -2.41 -11.42 -12.73
C ASP B 110 -2.66 -12.55 -11.71
N ASN B 111 -2.02 -12.42 -10.56
CA ASN B 111 -2.10 -13.42 -9.47
C ASN B 111 -2.05 -12.64 -8.18
N GLN B 112 -3.11 -11.87 -7.93
CA GLN B 112 -3.14 -10.91 -6.84
C GLN B 112 -3.58 -11.53 -5.52
N GLN B 113 -2.81 -12.54 -5.12
CA GLN B 113 -3.05 -13.18 -3.83
C GLN B 113 -2.55 -12.27 -2.71
N ILE B 114 -3.29 -12.23 -1.63
CA ILE B 114 -2.99 -11.42 -0.46
C ILE B 114 -2.93 -12.44 0.69
N ILE B 115 -1.82 -12.50 1.39
CA ILE B 115 -1.57 -13.64 2.35
C ILE B 115 -1.72 -13.10 3.76
N LEU B 116 -2.58 -13.74 4.55
CA LEU B 116 -2.64 -13.47 5.98
C LEU B 116 -1.62 -14.40 6.68
N VAL B 117 -0.58 -13.78 7.22
CA VAL B 117 0.56 -14.46 7.86
C VAL B 117 0.32 -14.38 9.38
N PRO B 118 -0.01 -15.51 10.05
CA PRO B 118 -0.35 -15.42 11.46
C PRO B 118 0.84 -15.15 12.37
N ALA B 119 0.54 -14.74 13.59
CA ALA B 119 1.53 -14.73 14.65
C ALA B 119 2.20 -16.12 14.75
N GLY B 120 3.51 -16.11 14.97
CA GLY B 120 4.28 -17.35 15.10
C GLY B 120 4.83 -17.84 13.78
N PHE B 121 4.67 -17.06 12.70
CA PHE B 121 5.19 -17.40 11.39
C PHE B 121 6.32 -16.44 11.00
N GLY B 122 7.25 -16.95 10.21
CA GLY B 122 8.25 -16.13 9.56
C GLY B 122 7.76 -15.67 8.19
N ASN B 123 8.18 -14.44 7.83
CA ASN B 123 7.76 -13.78 6.59
C ASN B 123 8.96 -13.42 5.76
N ALA B 124 8.89 -13.65 4.45
CA ALA B 124 10.00 -13.29 3.55
C ALA B 124 9.49 -13.11 2.13
N HIS B 125 10.25 -12.37 1.32
CA HIS B 125 9.95 -12.30 -0.11
C HIS B 125 11.17 -12.03 -0.94
N TYR B 126 11.06 -12.38 -2.23
CA TYR B 126 12.16 -12.27 -3.19
C TYR B 126 11.60 -11.56 -4.44
N VAL B 127 12.34 -10.61 -4.99
CA VAL B 127 11.87 -9.82 -6.16
C VAL B 127 12.39 -10.42 -7.46
N THR B 128 11.46 -10.89 -8.30
CA THR B 128 11.81 -11.42 -9.64
C THR B 128 11.72 -10.40 -10.78
N SER B 129 10.94 -9.34 -10.59
CA SER B 129 10.80 -8.27 -11.59
C SER B 129 11.94 -7.27 -11.47
N GLU B 130 11.94 -6.26 -12.35
CA GLU B 130 13.00 -5.26 -12.33
C GLU B 130 13.05 -4.52 -10.98
N SER B 131 11.88 -4.21 -10.44
CA SER B 131 11.71 -3.80 -9.07
C SER B 131 10.30 -4.25 -8.65
N ALA B 132 10.04 -4.24 -7.33
CA ALA B 132 8.71 -4.58 -6.85
C ALA B 132 8.34 -3.67 -5.68
N VAL B 133 7.04 -3.42 -5.52
CA VAL B 133 6.52 -2.75 -4.35
C VAL B 133 5.70 -3.78 -3.57
N TYR B 134 6.20 -4.05 -2.36
CA TYR B 134 5.56 -4.92 -1.40
C TYR B 134 4.71 -4.07 -0.48
N TYR B 135 3.48 -4.53 -0.24
CA TYR B 135 2.53 -3.86 0.65
C TYR B 135 2.19 -4.84 1.76
N TYR B 136 2.31 -4.41 3.01
CA TYR B 136 1.76 -5.25 4.07
C TYR B 136 1.14 -4.44 5.19
N LYS B 137 0.06 -5.02 5.72
CA LYS B 137 -0.58 -4.48 6.90
C LYS B 137 -0.15 -5.33 8.14
N CYS B 138 -0.18 -4.70 9.32
CA CYS B 138 0.18 -5.38 10.59
C CYS B 138 -0.89 -5.20 11.62
N ALA B 139 -1.07 -6.25 12.44
CA ALA B 139 -1.98 -6.26 13.59
C ALA B 139 -1.31 -6.91 14.78
N TYR B 140 -1.37 -6.26 15.94
CA TYR B 140 -0.82 -6.84 17.16
C TYR B 140 -1.39 -6.14 18.35
N LYS B 141 -1.47 -6.86 19.47
CA LYS B 141 -1.78 -6.24 20.76
C LYS B 141 -0.52 -5.58 21.31
N GLY B 142 -0.68 -4.49 22.06
CA GLY B 142 0.46 -3.84 22.74
C GLY B 142 1.22 -2.87 21.85
N ASP B 143 0.83 -1.61 21.88
CA ASP B 143 1.40 -0.62 20.99
C ASP B 143 2.69 0.08 21.47
N TYR B 144 3.19 -0.22 22.66
CA TYR B 144 4.29 0.63 23.22
C TYR B 144 5.66 -0.04 23.34
N VAL B 145 5.66 -1.37 23.59
CA VAL B 145 6.90 -2.11 23.73
C VAL B 145 7.02 -3.13 22.59
N ASP B 146 8.22 -3.19 22.02
CA ASP B 146 8.48 -4.02 20.85
C ASP B 146 8.26 -5.49 21.23
N ALA B 147 7.97 -6.30 20.23
CA ALA B 147 7.58 -7.70 20.48
C ALA B 147 8.71 -8.48 21.17
N PRO B 148 8.37 -9.28 22.19
CA PRO B 148 9.33 -10.25 22.69
C PRO B 148 9.42 -11.42 21.73
N ASP B 149 10.38 -12.29 21.97
CA ASP B 149 10.46 -13.54 21.23
C ASP B 149 10.47 -13.32 19.68
N GLN B 150 11.14 -12.26 19.23
CA GLN B 150 11.32 -12.04 17.79
C GLN B 150 12.38 -13.00 17.29
N PHE B 151 12.26 -13.38 16.03
CA PHE B 151 13.22 -14.26 15.40
C PHE B 151 13.55 -13.81 13.98
N THR B 152 14.79 -14.06 13.57
CA THR B 152 15.22 -13.84 12.20
C THR B 152 15.98 -15.05 11.78
N TYR B 153 15.54 -15.64 10.67
CA TYR B 153 16.20 -16.79 10.09
C TYR B 153 16.82 -16.44 8.76
N ALA B 154 17.94 -17.07 8.45
CA ALA B 154 18.59 -16.83 7.18
C ALA B 154 17.71 -17.31 6.04
N TRP B 155 17.70 -16.55 4.96
CA TRP B 155 16.97 -16.91 3.73
C TRP B 155 17.21 -18.35 3.30
N ASN B 156 18.46 -18.81 3.44
CA ASN B 156 18.86 -20.16 3.04
C ASN B 156 19.12 -21.11 4.26
N ASP B 157 18.43 -20.86 5.36
CA ASP B 157 18.47 -21.73 6.52
C ASP B 157 18.26 -23.18 6.06
N GLU B 158 19.18 -24.06 6.45
CA GLU B 158 19.16 -25.43 5.92
C GLU B 158 18.07 -26.29 6.56
N ARG B 159 17.55 -25.90 7.72
CA ARG B 159 16.44 -26.66 8.34
C ARG B 159 15.16 -26.43 7.56
N ILE B 160 14.97 -25.20 7.01
CA ILE B 160 13.76 -24.90 6.24
C ILE B 160 13.93 -25.32 4.78
N GLY B 161 15.07 -24.96 4.18
CA GLY B 161 15.37 -25.38 2.81
C GLY B 161 14.51 -24.78 1.72
N ILE B 162 14.25 -23.47 1.81
CA ILE B 162 13.40 -22.85 0.84
C ILE B 162 13.99 -22.91 -0.56
N ASP B 163 13.14 -23.25 -1.53
CA ASP B 163 13.49 -23.22 -2.96
C ASP B 163 13.26 -21.81 -3.54
N TRP B 164 14.29 -21.00 -3.49
CA TRP B 164 14.20 -19.67 -4.08
C TRP B 164 14.57 -19.73 -5.56
N PRO B 165 14.20 -18.70 -6.33
CA PRO B 165 14.53 -18.73 -7.77
C PRO B 165 15.99 -18.47 -8.14
N THR B 166 16.81 -18.14 -7.16
CA THR B 166 18.25 -17.95 -7.33
C THR B 166 19.03 -18.55 -6.13
N ASN B 167 20.30 -18.84 -6.36
CA ASN B 167 21.28 -19.10 -5.31
C ASN B 167 22.10 -17.85 -4.92
N SER B 168 21.87 -16.70 -5.60
CA SER B 168 22.71 -15.52 -5.45
C SER B 168 21.89 -14.27 -5.24
N PRO B 169 21.03 -14.25 -4.21
CA PRO B 169 20.24 -13.05 -3.94
C PRO B 169 21.09 -11.92 -3.36
N ILE B 170 20.54 -10.72 -3.41
CA ILE B 170 21.08 -9.59 -2.70
C ILE B 170 20.49 -9.52 -1.27
N LEU B 171 21.32 -9.66 -0.25
CA LEU B 171 20.87 -9.63 1.19
C LEU B 171 21.21 -8.32 1.87
N SER B 172 22.49 -8.16 2.10
CA SER B 172 23.06 -6.93 2.63
C SER B 172 23.14 -5.86 1.57
N GLU B 173 23.20 -4.60 2.01
CA GLU B 173 23.50 -3.52 1.08
C GLU B 173 24.86 -3.71 0.38
N ARG B 174 25.84 -4.29 1.09
CA ARG B 174 27.15 -4.56 0.52
C ARG B 174 27.11 -5.51 -0.68
N ASP B 175 26.09 -6.37 -0.75
CA ASP B 175 25.96 -7.34 -1.85
C ASP B 175 25.58 -6.69 -3.18
N ILE B 176 25.02 -5.50 -3.13
CA ILE B 176 24.51 -4.95 -4.38
C ILE B 176 25.68 -4.36 -5.18
N LEU B 177 26.85 -4.18 -4.57
CA LEU B 177 28.00 -3.61 -5.32
C LEU B 177 28.47 -4.45 -6.52
N ALA B 178 28.36 -5.77 -6.37
CA ALA B 178 28.72 -6.70 -7.42
C ALA B 178 27.83 -6.64 -8.67
N THR B 179 26.59 -6.19 -8.48
CA THR B 179 25.55 -6.28 -9.49
C THR B 179 25.45 -4.96 -10.28
N LYS B 180 24.99 -5.06 -11.50
CA LYS B 180 24.65 -3.90 -12.31
C LYS B 180 25.73 -2.78 -12.30
N ASN B 181 27.00 -3.17 -12.46
CA ASN B 181 28.08 -2.17 -12.63
C ASN B 181 27.95 -1.59 -14.05
N LYS B 182 27.66 -0.30 -14.17
CA LYS B 182 27.40 0.28 -15.50
C LYS B 182 28.70 0.41 -16.28
N GLY B 183 28.66 0.04 -17.55
CA GLY B 183 29.85 0.14 -18.39
C GLY B 183 30.20 1.54 -18.83
C1 GOL C . -9.34 0.58 -15.00
O1 GOL C . -8.56 1.55 -15.72
C2 GOL C . -10.78 0.97 -15.15
O2 GOL C . -10.93 2.33 -14.72
C3 GOL C . -11.64 0.04 -14.32
O3 GOL C . -13.02 0.31 -14.56
C1 GOL D . -12.18 -8.04 14.92
O1 GOL D . -11.79 -7.06 15.88
C2 GOL D . -12.08 -9.36 15.62
O2 GOL D . -13.17 -9.47 16.57
C3 GOL D . -12.07 -10.54 14.71
O3 GOL D . -12.37 -11.72 15.43
#